data_7SBI
#
_entry.id   7SBI
#
_cell.length_a   28.921
_cell.length_b   100.922
_cell.length_c   55.748
_cell.angle_alpha   90.000
_cell.angle_beta   104.962
_cell.angle_gamma   90.000
#
_symmetry.space_group_name_H-M   'P 1 21 1'
#
loop_
_entity.id
_entity.type
_entity.pdbx_description
1 polymer "2'-5' oligoadenylate synthase"
2 water water
#
_entity_poly.entity_id   1
_entity_poly.type   'polypeptide(L)'
_entity_poly.pdbx_seq_one_letter_code
;GSHMVKVQVKQLQGMSLTRKVHPSTTVWELKGEIEKEWCIPRYQQRLALQDNPSNLPALRDGDSLAAHGLFYDIVLLLLC
TEPQEMEVLVKDSNKTTVYTVRPTDTVKQLKQQIYACQHVPVEQQRLTYETKELENHHTLEHYHVQPRSTIYLLLRLRGG
;
_entity_poly.pdbx_strand_id   A,B
#
# COMPACT_ATOMS: atom_id res chain seq x y z
N HIS A 3 23.12 -21.79 8.80
CA HIS A 3 23.13 -20.61 7.95
C HIS A 3 21.73 -20.31 7.44
N MET A 4 20.85 -21.29 7.57
CA MET A 4 19.47 -21.19 7.10
C MET A 4 18.51 -21.34 8.27
N VAL A 5 17.32 -20.76 8.12
CA VAL A 5 16.32 -20.74 9.18
C VAL A 5 15.13 -21.61 8.78
N LYS A 6 14.41 -22.07 9.81
CA LYS A 6 13.25 -22.92 9.62
C LYS A 6 11.98 -22.08 9.59
N VAL A 7 11.23 -22.18 8.49
CA VAL A 7 10.00 -21.43 8.29
C VAL A 7 8.85 -22.42 8.16
N GLN A 8 7.95 -22.42 9.13
CA GLN A 8 6.74 -23.22 9.08
C GLN A 8 5.56 -22.33 8.67
N VAL A 9 4.77 -22.80 7.72
CA VAL A 9 3.60 -22.07 7.21
C VAL A 9 2.37 -22.91 7.50
N LYS A 10 1.57 -22.50 8.47
CA LYS A 10 0.41 -23.26 8.90
C LYS A 10 -0.89 -22.67 8.34
N GLN A 11 -1.77 -23.56 7.89
CA GLN A 11 -3.09 -23.22 7.40
C GLN A 11 -4.09 -23.23 8.55
N LEU A 12 -5.30 -22.70 8.30
CA LEU A 12 -6.30 -22.52 9.35
C LEU A 12 -6.55 -23.81 10.13
N GLN A 13 -6.65 -24.95 9.43
CA GLN A 13 -6.94 -26.22 10.07
C GLN A 13 -5.70 -26.96 10.54
N GLY A 14 -4.53 -26.31 10.54
CA GLY A 14 -3.32 -26.87 11.09
C GLY A 14 -2.40 -27.53 10.08
N MET A 15 -2.90 -27.85 8.88
CA MET A 15 -2.03 -28.38 7.85
C MET A 15 -0.96 -27.36 7.50
N SER A 16 0.29 -27.82 7.38
CA SER A 16 1.41 -26.91 7.28
C SER A 16 2.49 -27.49 6.38
N LEU A 17 3.48 -26.65 6.07
CA LEU A 17 4.68 -27.06 5.36
C LEU A 17 5.87 -26.38 6.02
N THR A 18 7.03 -27.02 5.91
CA THR A 18 8.26 -26.52 6.51
C THR A 18 9.35 -26.44 5.44
N ARG A 19 10.07 -25.33 5.42
CA ARG A 19 11.11 -25.08 4.44
C ARG A 19 12.34 -24.49 5.11
N LYS A 20 13.50 -24.98 4.72
CA LYS A 20 14.78 -24.39 5.10
C LYS A 20 15.10 -23.29 4.11
N VAL A 21 15.03 -22.04 4.55
CA VAL A 21 15.17 -20.90 3.65
C VAL A 21 16.23 -19.95 4.19
N HIS A 22 16.91 -19.26 3.27
CA HIS A 22 17.94 -18.29 3.62
C HIS A 22 17.31 -16.97 4.05
N PRO A 23 17.83 -16.32 5.08
CA PRO A 23 17.20 -15.08 5.57
C PRO A 23 17.12 -13.97 4.54
N SER A 24 17.86 -14.05 3.44
CA SER A 24 17.76 -13.05 2.38
C SER A 24 16.62 -13.31 1.41
N THR A 25 15.87 -14.39 1.61
CA THR A 25 14.73 -14.67 0.73
C THR A 25 13.59 -13.70 1.04
N THR A 26 12.99 -13.16 -0.02
CA THR A 26 11.90 -12.21 0.15
C THR A 26 10.60 -12.94 0.48
N VAL A 27 9.63 -12.17 0.98
CA VAL A 27 8.31 -12.73 1.30
C VAL A 27 7.60 -13.16 0.02
N TRP A 28 7.79 -12.42 -1.07
CA TRP A 28 7.21 -12.80 -2.36
C TRP A 28 7.77 -14.14 -2.83
N GLU A 29 9.09 -14.30 -2.75
CA GLU A 29 9.70 -15.57 -3.12
C GLU A 29 9.24 -16.70 -2.20
N LEU A 30 9.01 -16.40 -0.91
CA LEU A 30 8.48 -17.42 -0.01
C LEU A 30 7.07 -17.82 -0.40
N LYS A 31 6.27 -16.86 -0.87
CA LYS A 31 4.93 -17.20 -1.37
C LYS A 31 5.01 -18.08 -2.61
N GLY A 32 6.06 -17.92 -3.42
CA GLY A 32 6.26 -18.82 -4.54
C GLY A 32 6.56 -20.24 -4.10
N GLU A 33 7.30 -20.39 -2.99
CA GLU A 33 7.53 -21.72 -2.44
C GLU A 33 6.24 -22.33 -1.91
N ILE A 34 5.37 -21.51 -1.31
CA ILE A 34 4.06 -22.00 -0.91
C ILE A 34 3.24 -22.38 -2.12
N GLU A 35 3.45 -21.70 -3.25
CA GLU A 35 2.65 -21.96 -4.45
C GLU A 35 3.00 -23.30 -5.06
N LYS A 36 4.29 -23.66 -5.09
CA LYS A 36 4.69 -24.92 -5.71
C LYS A 36 4.24 -26.13 -4.90
N GLU A 37 3.92 -25.96 -3.62
CA GLU A 37 3.45 -27.07 -2.80
C GLU A 37 1.92 -27.17 -2.76
N TRP A 38 1.22 -26.04 -2.64
CA TRP A 38 -0.22 -26.03 -2.45
C TRP A 38 -0.99 -25.39 -3.58
N CYS A 39 -0.32 -24.85 -4.60
CA CYS A 39 -0.91 -24.33 -5.82
C CYS A 39 -1.72 -23.05 -5.59
N ILE A 40 -1.67 -22.47 -4.40
CA ILE A 40 -2.35 -21.19 -4.18
C ILE A 40 -1.57 -20.09 -4.90
N PRO A 41 -2.21 -19.30 -5.76
CA PRO A 41 -1.51 -18.16 -6.38
C PRO A 41 -0.91 -17.24 -5.33
N ARG A 42 0.26 -16.68 -5.64
CA ARG A 42 0.91 -15.77 -4.70
C ARG A 42 0.03 -14.57 -4.38
N TYR A 43 -0.80 -14.14 -5.33
CA TYR A 43 -1.64 -12.97 -5.14
C TYR A 43 -2.78 -13.22 -4.17
N GLN A 44 -3.09 -14.47 -3.87
CA GLN A 44 -4.17 -14.83 -2.95
C GLN A 44 -3.64 -15.36 -1.63
N GLN A 45 -2.37 -15.11 -1.32
CA GLN A 45 -1.74 -15.57 -0.09
C GLN A 45 -1.53 -14.39 0.84
N ARG A 46 -2.05 -14.49 2.06
CA ARG A 46 -1.79 -13.51 3.11
C ARG A 46 -1.00 -14.19 4.22
N LEU A 47 0.21 -13.71 4.46
CA LEU A 47 1.11 -14.27 5.46
C LEU A 47 1.24 -13.32 6.65
N ALA A 48 1.24 -13.90 7.85
CA ALA A 48 1.39 -13.13 9.07
C ALA A 48 2.09 -14.00 10.12
N LEU A 49 2.80 -13.35 11.03
CA LEU A 49 3.51 -14.05 12.07
C LEU A 49 2.54 -14.60 13.11
N GLN A 50 2.78 -15.85 13.53
CA GLN A 50 1.95 -16.45 14.56
C GLN A 50 2.17 -15.78 15.91
N ASP A 51 3.43 -15.62 16.31
CA ASP A 51 3.79 -15.07 17.61
C ASP A 51 4.55 -13.76 17.38
N ASN A 52 3.91 -12.64 17.68
CA ASN A 52 4.54 -11.34 17.50
C ASN A 52 4.41 -10.50 18.76
N SER A 54 7.18 -8.55 20.83
CA SER A 54 7.53 -7.25 20.25
C SER A 54 6.99 -7.13 18.82
N ASN A 55 6.14 -6.14 18.60
CA ASN A 55 5.55 -5.91 17.29
C ASN A 55 6.50 -5.16 16.38
N PRO A 57 5.68 -5.88 12.74
CA PRO A 57 5.05 -5.11 11.66
C PRO A 57 4.53 -6.01 10.54
N ALA A 58 3.73 -5.44 9.63
CA ALA A 58 3.17 -6.23 8.53
C ALA A 58 4.26 -6.63 7.56
N LEU A 59 4.13 -7.85 7.03
CA LEU A 59 5.12 -8.37 6.09
C LEU A 59 5.01 -7.69 4.73
N ARG A 60 6.16 -7.33 4.18
CA ARG A 60 6.26 -6.68 2.88
C ARG A 60 6.86 -7.65 1.86
N ASP A 61 6.18 -7.79 0.72
CA ASP A 61 6.59 -8.77 -0.28
C ASP A 61 7.98 -8.47 -0.84
N GLY A 62 8.30 -7.18 -1.03
CA GLY A 62 9.54 -6.83 -1.70
C GLY A 62 10.78 -7.08 -0.88
N ASP A 63 10.65 -7.08 0.45
CA ASP A 63 11.81 -7.18 1.33
C ASP A 63 11.99 -8.59 1.86
N SER A 64 13.22 -8.89 2.27
CA SER A 64 13.58 -10.22 2.76
C SER A 64 13.11 -10.40 4.21
N LEU A 65 13.19 -11.65 4.67
CA LEU A 65 12.88 -11.95 6.05
C LEU A 65 13.79 -11.18 7.00
N ALA A 66 15.09 -11.18 6.71
CA ALA A 66 16.03 -10.44 7.55
C ALA A 66 15.75 -8.95 7.53
N ALA A 67 15.23 -8.43 6.41
CA ALA A 67 14.85 -7.02 6.34
C ALA A 67 13.64 -6.72 7.21
N HIS A 68 12.95 -7.74 7.71
CA HIS A 68 11.89 -7.58 8.69
C HIS A 68 12.38 -7.82 10.11
N GLY A 69 13.66 -8.11 10.29
CA GLY A 69 14.17 -8.57 11.56
C GLY A 69 14.00 -10.06 11.80
N LEU A 70 13.63 -10.82 10.77
CA LEU A 70 13.38 -12.25 10.88
C LEU A 70 14.58 -13.00 10.30
N PHE A 71 15.53 -13.34 11.17
CA PHE A 71 16.71 -14.11 10.80
C PHE A 71 16.85 -15.33 11.72
N TYR A 72 15.72 -15.88 12.16
CA TYR A 72 15.67 -17.04 13.03
C TYR A 72 14.46 -17.88 12.63
N ASP A 73 14.29 -19.02 13.30
CA ASP A 73 13.16 -19.88 13.01
C ASP A 73 11.85 -19.18 13.39
N ILE A 74 10.87 -19.25 12.49
CA ILE A 74 9.60 -18.55 12.67
C ILE A 74 8.46 -19.48 12.26
N VAL A 75 7.27 -19.13 12.72
CA VAL A 75 6.04 -19.82 12.34
C VAL A 75 5.09 -18.79 11.76
N LEU A 76 4.58 -19.07 10.56
CA LEU A 76 3.69 -18.15 9.86
C LEU A 76 2.34 -18.82 9.65
N LEU A 77 1.27 -18.05 9.84
CA LEU A 77 -0.07 -18.50 9.52
C LEU A 77 -0.43 -18.06 8.11
N LEU A 78 -1.06 -18.96 7.37
CA LEU A 78 -1.43 -18.71 5.98
C LEU A 78 -2.94 -18.49 5.88
N LEU A 79 -3.33 -17.41 5.21
CA LEU A 79 -4.73 -17.11 4.91
C LEU A 79 -4.88 -16.97 3.40
N CYS A 80 -5.91 -17.61 2.85
CA CYS A 80 -6.19 -17.55 1.43
C CYS A 80 -7.29 -16.52 1.18
N THR A 81 -7.06 -15.63 0.23
CA THR A 81 -8.01 -14.57 -0.09
C THR A 81 -8.57 -14.78 -1.50
N GLU A 82 -9.61 -14.02 -1.79
CA GLU A 82 -10.27 -14.13 -3.09
C GLU A 82 -9.49 -13.39 -4.16
N PRO A 83 -9.62 -13.81 -5.43
CA PRO A 83 -8.92 -13.10 -6.52
C PRO A 83 -9.46 -11.68 -6.68
N GLN A 84 -8.60 -10.71 -6.40
CA GLN A 84 -8.89 -9.30 -6.59
C GLN A 84 -7.83 -8.71 -7.53
N GLU A 85 -7.79 -7.39 -7.62
CA GLU A 85 -6.80 -6.72 -8.45
C GLU A 85 -5.64 -6.21 -7.62
N MET A 86 -4.60 -5.77 -8.32
CA MET A 86 -3.42 -5.14 -7.74
C MET A 86 -3.09 -3.90 -8.56
N GLU A 87 -2.17 -3.09 -8.04
CA GLU A 87 -1.68 -1.94 -8.77
C GLU A 87 -0.22 -2.20 -9.15
N VAL A 88 0.23 -1.52 -10.20
CA VAL A 88 1.61 -1.61 -10.65
C VAL A 88 2.10 -0.20 -10.98
N LEU A 89 3.30 0.13 -10.52
CA LEU A 89 3.91 1.41 -10.83
C LEU A 89 4.68 1.32 -12.14
N VAL A 90 4.41 2.24 -13.05
CA VAL A 90 5.11 2.34 -14.32
C VAL A 90 5.97 3.59 -14.29
N LYS A 91 7.27 3.40 -14.11
CA LYS A 91 8.22 4.51 -14.03
C LYS A 91 8.85 4.73 -15.40
N ASP A 92 8.59 5.89 -15.98
CA ASP A 92 9.19 6.27 -17.25
C ASP A 92 10.39 7.18 -16.99
N SER A 93 10.74 8.01 -17.97
CA SER A 93 11.93 8.85 -17.84
C SER A 93 11.78 9.88 -16.72
N ASN A 94 10.60 10.48 -16.59
CA ASN A 94 10.41 11.60 -15.67
C ASN A 94 9.51 11.31 -14.48
N LYS A 95 8.52 10.43 -14.61
CA LYS A 95 7.50 10.28 -13.57
C LYS A 95 7.21 8.79 -13.37
N THR A 96 6.31 8.52 -12.42
CA THR A 96 5.87 7.17 -12.09
C THR A 96 4.35 7.16 -11.99
N THR A 97 3.70 6.44 -12.90
CA THR A 97 2.25 6.34 -12.94
C THR A 97 1.81 4.98 -12.42
N VAL A 98 0.62 4.96 -11.80
CA VAL A 98 0.06 3.75 -11.21
C VAL A 98 -1.11 3.29 -12.06
N TYR A 99 -1.21 1.97 -12.29
CA TYR A 99 -2.28 1.38 -13.06
C TYR A 99 -2.92 0.25 -12.27
N THR A 100 -4.23 0.08 -12.46
CA THR A 100 -4.99 -0.98 -11.82
C THR A 100 -5.14 -2.14 -12.80
N VAL A 101 -4.58 -3.30 -12.44
CA VAL A 101 -4.57 -4.47 -13.31
C VAL A 101 -4.90 -5.71 -12.50
N ARG A 102 -5.20 -6.81 -13.22
CA ARG A 102 -5.34 -8.17 -12.70
C ARG A 102 -4.07 -8.95 -12.97
N PRO A 103 -3.70 -9.87 -12.06
CA PRO A 103 -2.50 -10.69 -12.31
C PRO A 103 -2.61 -11.54 -13.57
N THR A 104 -3.81 -11.81 -14.06
CA THR A 104 -4.01 -12.61 -15.26
C THR A 104 -3.96 -11.80 -16.55
N ASP A 105 -3.92 -10.47 -16.45
CA ASP A 105 -3.84 -9.63 -17.64
C ASP A 105 -2.48 -9.79 -18.31
N THR A 106 -2.48 -9.73 -19.63
CA THR A 106 -1.24 -9.85 -20.38
C THR A 106 -0.49 -8.52 -20.38
N VAL A 107 0.74 -8.56 -20.91
CA VAL A 107 1.54 -7.34 -20.99
C VAL A 107 0.92 -6.36 -22.00
N LYS A 108 0.32 -6.88 -23.08
CA LYS A 108 -0.29 -6.01 -24.07
C LYS A 108 -1.45 -5.21 -23.49
N GLN A 109 -2.25 -5.85 -22.63
CA GLN A 109 -3.37 -5.14 -22.01
C GLN A 109 -2.89 -3.99 -21.14
N LEU A 110 -1.75 -4.18 -20.47
CA LEU A 110 -1.18 -3.10 -19.66
C LEU A 110 -0.58 -2.01 -20.53
N LYS A 111 0.01 -2.38 -21.66
CA LYS A 111 0.54 -1.38 -22.59
C LYS A 111 -0.58 -0.52 -23.16
N GLN A 112 -1.76 -1.11 -23.40
CA GLN A 112 -2.89 -0.31 -23.88
C GLN A 112 -3.40 0.64 -22.80
N GLN A 113 -3.24 0.29 -21.53
CA GLN A 113 -3.57 1.23 -20.46
C GLN A 113 -2.56 2.38 -20.41
N ILE A 114 -1.28 2.07 -20.59
CA ILE A 114 -0.25 3.11 -20.62
C ILE A 114 -0.46 4.02 -21.83
N TYR A 115 -0.92 3.44 -22.95
CA TYR A 115 -1.13 4.21 -24.16
C TYR A 115 -2.37 5.10 -24.07
N ALA A 116 -3.41 4.65 -23.36
CA ALA A 116 -4.60 5.46 -23.15
C ALA A 116 -4.34 6.61 -22.19
N CYS A 117 -3.39 6.45 -21.25
CA CYS A 117 -3.16 7.45 -20.22
C CYS A 117 -1.94 8.34 -20.50
N GLN A 118 -0.84 7.76 -20.96
CA GLN A 118 0.38 8.53 -21.21
C GLN A 118 0.58 8.87 -22.68
N HIS A 119 -0.30 8.38 -23.56
CA HIS A 119 -0.32 8.78 -24.97
C HIS A 119 0.97 8.37 -25.68
N VAL A 120 1.40 7.13 -25.45
CA VAL A 120 2.54 6.54 -26.10
C VAL A 120 2.08 5.25 -26.81
N PRO A 121 2.24 5.14 -28.12
CA PRO A 121 1.74 3.95 -28.84
C PRO A 121 2.32 2.65 -28.27
N VAL A 122 1.51 1.59 -28.38
CA VAL A 122 1.85 0.32 -27.75
C VAL A 122 3.17 -0.22 -28.30
N GLU A 123 3.34 -0.20 -29.63
CA GLU A 123 4.55 -0.75 -30.23
C GLU A 123 5.80 0.00 -29.82
N GLN A 124 5.66 1.23 -29.32
CA GLN A 124 6.81 2.00 -28.85
C GLN A 124 7.24 1.61 -27.44
N GLN A 125 6.40 0.87 -26.71
CA GLN A 125 6.64 0.60 -25.30
C GLN A 125 7.54 -0.62 -25.13
N ARG A 126 8.60 -0.46 -24.34
CA ARG A 126 9.46 -1.56 -23.93
C ARG A 126 9.43 -1.63 -22.41
N LEU A 127 8.74 -2.62 -21.87
CA LEU A 127 8.56 -2.76 -20.43
C LEU A 127 9.52 -3.79 -19.87
N THR A 128 10.18 -3.44 -18.78
CA THR A 128 11.12 -4.34 -18.10
C THR A 128 10.72 -4.48 -16.64
N TYR A 129 10.74 -5.70 -16.15
CA TYR A 129 10.47 -6.00 -14.74
C TYR A 129 11.64 -6.80 -14.20
N GLU A 130 12.28 -6.29 -13.16
CA GLU A 130 13.48 -6.90 -12.58
C GLU A 130 14.50 -7.19 -13.67
N THR A 131 14.86 -6.13 -14.40
CA THR A 131 15.85 -6.13 -15.47
C THR A 131 15.42 -6.94 -16.69
N LYS A 132 14.42 -7.80 -16.54
CA LYS A 132 14.01 -8.67 -17.64
C LYS A 132 12.87 -8.03 -18.44
N GLU A 133 12.99 -8.09 -19.75
CA GLU A 133 12.01 -7.49 -20.65
C GLU A 133 10.80 -8.41 -20.82
N LEU A 134 9.62 -7.80 -20.88
CA LEU A 134 8.36 -8.53 -20.93
C LEU A 134 7.88 -8.69 -22.37
N GLU A 135 7.24 -9.83 -22.65
CA GLU A 135 6.62 -10.09 -23.94
C GLU A 135 5.12 -9.83 -23.85
N ASN A 136 4.55 -9.33 -24.96
CA ASN A 136 3.18 -8.82 -24.93
C ASN A 136 2.14 -9.93 -24.74
N HIS A 137 2.49 -11.19 -25.01
CA HIS A 137 1.52 -12.27 -24.92
C HIS A 137 1.49 -12.95 -23.56
N HIS A 138 2.53 -12.79 -22.75
CA HIS A 138 2.57 -13.40 -21.43
C HIS A 138 1.80 -12.56 -20.43
N THR A 139 1.32 -13.23 -19.37
CA THR A 139 0.61 -12.56 -18.30
C THR A 139 1.59 -11.97 -17.29
N LEU A 140 1.06 -11.09 -16.43
CA LEU A 140 1.89 -10.48 -15.39
C LEU A 140 2.28 -11.50 -14.32
N GLU A 141 1.39 -12.45 -14.02
CA GLU A 141 1.72 -13.49 -13.04
C GLU A 141 2.75 -14.47 -13.58
N HIS A 142 2.91 -14.55 -14.90
CA HIS A 142 3.98 -15.37 -15.46
C HIS A 142 5.36 -14.81 -15.11
N TYR A 143 5.46 -13.49 -14.94
CA TYR A 143 6.69 -12.84 -14.52
C TYR A 143 6.76 -12.60 -13.01
N HIS A 144 5.78 -13.08 -12.25
CA HIS A 144 5.74 -12.92 -10.80
C HIS A 144 5.79 -11.45 -10.40
N VAL A 145 5.06 -10.61 -11.14
CA VAL A 145 4.98 -9.19 -10.80
C VAL A 145 4.28 -9.03 -9.46
N GLN A 146 4.99 -8.43 -8.50
CA GLN A 146 4.40 -8.25 -7.19
C GLN A 146 3.42 -7.07 -7.19
N PRO A 147 2.38 -7.14 -6.38
CA PRO A 147 1.47 -5.99 -6.27
C PRO A 147 2.23 -4.75 -5.82
N ARG A 148 1.88 -3.61 -6.41
CA ARG A 148 2.45 -2.31 -6.10
C ARG A 148 3.94 -2.22 -6.43
N SER A 149 4.47 -3.12 -7.26
CA SER A 149 5.87 -3.07 -7.64
C SER A 149 6.05 -2.11 -8.83
N THR A 150 7.29 -1.98 -9.28
CA THR A 150 7.65 -0.99 -10.29
C THR A 150 8.03 -1.69 -11.59
N ILE A 151 7.42 -1.26 -12.69
CA ILE A 151 7.80 -1.66 -14.04
C ILE A 151 8.38 -0.42 -14.75
N TYR A 152 9.52 -0.61 -15.41
CA TYR A 152 10.24 0.50 -16.05
C TYR A 152 9.85 0.57 -17.52
N LEU A 153 9.56 1.78 -17.99
CA LEU A 153 9.08 2.02 -19.34
C LEU A 153 10.15 2.76 -20.15
N LEU A 154 10.57 2.16 -21.25
CA LEU A 154 11.46 2.78 -22.21
C LEU A 154 10.80 2.78 -23.58
N LEU A 155 11.11 3.80 -24.38
CA LEU A 155 10.46 4.01 -25.65
C LEU A 155 11.38 3.61 -26.78
N ARG A 156 10.88 2.76 -27.69
CA ARG A 156 11.61 2.32 -28.87
C ARG A 156 10.76 2.65 -30.08
N LEU A 157 11.21 3.58 -30.90
CA LEU A 157 10.42 4.03 -32.03
C LEU A 157 10.66 3.21 -33.29
N ARG A 158 11.71 2.41 -33.33
CA ARG A 158 11.99 1.57 -34.48
C ARG A 158 12.54 0.21 -34.07
N SER B 2 -26.72 1.87 21.61
CA SER B 2 -27.39 1.78 20.32
C SER B 2 -26.74 2.71 19.31
N HIS B 3 -26.58 2.21 18.08
CA HIS B 3 -26.01 2.94 16.94
C HIS B 3 -24.52 3.23 17.10
N MET B 4 -24.00 3.13 18.34
CA MET B 4 -22.61 3.44 18.61
C MET B 4 -21.90 2.22 19.18
N VAL B 5 -20.61 2.12 18.91
CA VAL B 5 -19.78 1.02 19.39
C VAL B 5 -18.72 1.59 20.32
N LYS B 6 -18.24 0.74 21.22
CA LYS B 6 -17.20 1.13 22.17
C LYS B 6 -15.85 0.72 21.60
N VAL B 7 -14.95 1.68 21.42
CA VAL B 7 -13.63 1.45 20.85
C VAL B 7 -12.60 1.80 21.91
N GLN B 8 -11.89 0.78 22.39
CA GLN B 8 -10.78 0.97 23.33
C GLN B 8 -9.47 0.89 22.57
N VAL B 9 -8.58 1.84 22.82
CA VAL B 9 -7.27 1.90 22.18
C VAL B 9 -6.22 1.81 23.28
N LYS B 10 -5.55 0.67 23.37
CA LYS B 10 -4.58 0.45 24.42
C LYS B 10 -3.17 0.64 23.89
N GLN B 11 -2.34 1.31 24.69
CA GLN B 11 -0.94 1.54 24.37
C GLN B 11 -0.10 0.38 24.89
N LEU B 12 1.16 0.33 24.43
CA LEU B 12 2.02 -0.82 24.70
C LEU B 12 2.09 -1.15 26.18
N GLN B 13 2.18 -0.13 27.04
CA GLN B 13 2.25 -0.34 28.48
C GLN B 13 0.88 -0.43 29.15
N GLY B 14 -0.20 -0.51 28.38
CA GLY B 14 -1.52 -0.74 28.90
C GLY B 14 -2.37 0.49 29.07
N MET B 15 -1.78 1.68 29.07
CA MET B 15 -2.56 2.91 29.11
C MET B 15 -3.46 3.01 27.90
N SER B 16 -4.71 3.43 28.11
CA SER B 16 -5.71 3.33 27.05
C SER B 16 -6.66 4.51 27.11
N LEU B 17 -7.47 4.62 26.07
CA LEU B 17 -8.56 5.57 25.99
C LEU B 17 -9.78 4.87 25.40
N THR B 18 -10.97 5.34 25.76
CA THR B 18 -12.20 4.73 25.30
C THR B 18 -13.10 5.80 24.68
N ARG B 19 -13.67 5.49 23.52
CA ARG B 19 -14.52 6.43 22.80
C ARG B 19 -15.71 5.70 22.20
N LYS B 20 -16.89 6.32 22.27
CA LYS B 20 -18.09 5.81 21.63
C LYS B 20 -18.20 6.45 20.25
N VAL B 21 -17.91 5.66 19.20
CA VAL B 21 -17.86 6.18 17.83
C VAL B 21 -18.86 5.41 16.97
N HIS B 22 -19.33 6.07 15.92
CA HIS B 22 -20.27 5.48 14.97
C HIS B 22 -19.52 4.54 14.03
N PRO B 23 -20.08 3.38 13.70
CA PRO B 23 -19.37 2.40 12.86
C PRO B 23 -18.97 2.92 11.49
N SER B 24 -19.51 4.05 11.05
CA SER B 24 -19.11 4.64 9.77
C SER B 24 -17.87 5.50 9.89
N THR B 25 -17.30 5.63 11.09
CA THR B 25 -16.07 6.40 11.26
C THR B 25 -14.89 5.62 10.67
N THR B 26 -14.05 6.32 9.91
CA THR B 26 -12.90 5.69 9.31
C THR B 26 -11.78 5.52 10.33
N VAL B 27 -10.82 4.65 9.99
CA VAL B 27 -9.66 4.46 10.86
C VAL B 27 -8.81 5.72 10.91
N TRP B 28 -8.73 6.45 9.78
CA TRP B 28 -8.00 7.71 9.75
C TRP B 28 -8.63 8.73 10.69
N GLU B 29 -9.96 8.86 10.65
CA GLU B 29 -10.64 9.77 11.57
C GLU B 29 -10.49 9.33 13.02
N LEU B 30 -10.48 8.02 13.26
CA LEU B 30 -10.26 7.53 14.61
C LEU B 30 -8.87 7.87 15.12
N LYS B 31 -7.87 7.83 14.24
CA LYS B 31 -6.53 8.25 14.62
C LYS B 31 -6.49 9.74 14.97
N GLY B 32 -7.37 10.54 14.35
CA GLY B 32 -7.47 11.93 14.74
C GLY B 32 -8.00 12.11 16.15
N GLU B 33 -8.91 11.23 16.57
CA GLU B 33 -9.37 11.24 17.95
C GLU B 33 -8.26 10.85 18.91
N ILE B 34 -7.41 9.90 18.50
CA ILE B 34 -6.23 9.56 19.29
C ILE B 34 -5.25 10.72 19.32
N GLU B 35 -5.22 11.53 18.25
CA GLU B 35 -4.23 12.61 18.18
C GLU B 35 -4.53 13.73 19.17
N LYS B 36 -5.78 14.14 19.29
CA LYS B 36 -6.06 15.22 20.23
C LYS B 36 -5.98 14.76 21.69
N GLU B 37 -5.95 13.46 21.94
CA GLU B 37 -5.82 12.93 23.29
C GLU B 37 -4.37 12.71 23.70
N TRP B 38 -3.54 12.17 22.80
CA TRP B 38 -2.17 11.81 23.13
C TRP B 38 -1.13 12.55 22.29
N CYS B 39 -1.55 13.39 21.33
CA CYS B 39 -0.69 14.26 20.53
C CYS B 39 0.19 13.50 19.54
N ILE B 40 0.01 12.19 19.39
CA ILE B 40 0.76 11.44 18.39
C ILE B 40 0.23 11.79 17.01
N PRO B 41 1.08 12.21 16.07
CA PRO B 41 0.62 12.43 14.70
C PRO B 41 -0.03 11.17 14.14
N ARG B 42 -1.08 11.36 13.33
CA ARG B 42 -1.76 10.23 12.72
C ARG B 42 -0.82 9.38 11.88
N TYR B 43 0.20 10.01 11.28
CA TYR B 43 1.11 9.30 10.39
C TYR B 43 2.03 8.35 11.14
N GLN B 44 2.14 8.50 12.46
CA GLN B 44 2.99 7.67 13.29
C GLN B 44 2.18 6.71 14.15
N GLN B 45 0.92 6.48 13.80
CA GLN B 45 0.02 5.61 14.55
C GLN B 45 -0.24 4.33 13.76
N ARG B 46 0.01 3.19 14.40
CA ARG B 46 -0.34 1.88 13.86
C ARG B 46 -1.41 1.26 14.74
N LEU B 47 -2.59 1.01 14.18
CA LEU B 47 -3.71 0.43 14.91
C LEU B 47 -3.94 -0.99 14.42
N ALA B 48 -4.20 -1.90 15.38
CA ALA B 48 -4.48 -3.30 15.06
C ALA B 48 -5.40 -3.87 16.12
N LEU B 49 -6.19 -4.86 15.72
CA LEU B 49 -7.12 -5.51 16.64
C LEU B 49 -6.39 -6.39 17.64
N GLN B 50 -6.83 -6.33 18.90
CA GLN B 50 -6.23 -7.19 19.93
C GLN B 50 -6.58 -8.65 19.69
N ASP B 51 -7.85 -8.95 19.46
CA ASP B 51 -8.33 -10.31 19.28
C ASP B 51 -8.86 -10.44 17.86
N ASN B 52 -8.13 -11.16 17.01
CA ASN B 52 -8.54 -11.36 15.64
C ASN B 52 -8.48 -12.82 15.24
N SER B 54 -12.33 -14.50 14.48
CA SER B 54 -11.98 -14.72 13.08
C SER B 54 -10.93 -13.72 12.62
N ASN B 55 -9.97 -14.19 11.83
CA ASN B 55 -8.89 -13.32 11.38
C ASN B 55 -9.40 -12.37 10.29
N LEU B 56 -9.12 -11.09 10.47
CA LEU B 56 -9.53 -10.01 9.59
C LEU B 56 -8.32 -9.38 8.93
N PRO B 57 -8.50 -8.72 7.78
CA PRO B 57 -7.37 -8.04 7.13
C PRO B 57 -6.88 -6.86 7.95
N ALA B 58 -5.74 -6.33 7.53
CA ALA B 58 -5.16 -5.18 8.19
C ALA B 58 -6.05 -3.96 8.00
N LEU B 59 -6.09 -3.11 9.03
CA LEU B 59 -6.97 -1.95 9.00
C LEU B 59 -6.47 -0.94 7.97
N ARG B 60 -7.41 -0.40 7.20
CA ARG B 60 -7.10 0.57 6.15
C ARG B 60 -7.57 1.95 6.61
N ASP B 61 -6.70 2.95 6.48
CA ASP B 61 -7.03 4.29 6.94
C ASP B 61 -8.26 4.84 6.21
N GLY B 62 -8.38 4.55 4.92
CA GLY B 62 -9.44 5.14 4.12
C GLY B 62 -10.83 4.62 4.40
N ASP B 63 -10.96 3.39 4.87
CA ASP B 63 -12.25 2.76 5.05
C ASP B 63 -12.73 2.85 6.50
N SER B 64 -14.04 2.73 6.66
CA SER B 64 -14.69 2.83 7.96
C SER B 64 -14.52 1.53 8.74
N LEU B 65 -14.87 1.60 10.04
CA LEU B 65 -14.86 0.41 10.88
C LEU B 65 -15.78 -0.66 10.34
N ALA B 66 -17.01 -0.28 9.96
CA ALA B 66 -17.96 -1.25 9.43
C ALA B 66 -17.47 -1.88 8.13
N ALA B 67 -16.68 -1.14 7.35
CA ALA B 67 -16.12 -1.70 6.13
C ALA B 67 -15.08 -2.78 6.40
N HIS B 68 -14.64 -2.94 7.65
CA HIS B 68 -13.79 -4.04 8.06
C HIS B 68 -14.57 -5.19 8.69
N GLY B 69 -15.89 -5.07 8.77
CA GLY B 69 -16.67 -6.00 9.54
C GLY B 69 -16.74 -5.68 11.02
N LEU B 70 -16.28 -4.50 11.43
CA LEU B 70 -16.24 -4.09 12.83
C LEU B 70 -17.39 -3.11 13.07
N PHE B 71 -18.52 -3.65 13.52
CA PHE B 71 -19.69 -2.88 13.88
C PHE B 71 -20.12 -3.24 15.29
N TYR B 72 -19.16 -3.58 16.13
CA TYR B 72 -19.37 -3.96 17.52
C TYR B 72 -18.20 -3.42 18.33
N ASP B 73 -18.24 -3.64 19.65
CA ASP B 73 -17.17 -3.17 20.52
C ASP B 73 -15.87 -3.91 20.22
N ILE B 74 -14.77 -3.16 20.12
CA ILE B 74 -13.47 -3.71 19.75
C ILE B 74 -12.40 -3.10 20.65
N VAL B 75 -11.24 -3.77 20.68
CA VAL B 75 -10.06 -3.31 21.40
C VAL B 75 -8.90 -3.24 20.41
N LEU B 76 -8.24 -2.08 20.37
CA LEU B 76 -7.15 -1.84 19.43
C LEU B 76 -5.86 -1.54 20.19
N LEU B 77 -4.75 -2.09 19.71
CA LEU B 77 -3.43 -1.73 20.21
C LEU B 77 -2.84 -0.62 19.33
N LEU B 78 -2.19 0.34 19.98
CA LEU B 78 -1.58 1.47 19.29
C LEU B 78 -0.07 1.31 19.32
N LEU B 79 0.57 1.46 18.16
CA LEU B 79 2.02 1.44 18.04
C LEU B 79 2.49 2.75 17.43
N CYS B 80 3.51 3.35 18.03
CA CYS B 80 4.09 4.59 17.55
C CYS B 80 5.37 4.29 16.78
N THR B 81 5.48 4.83 15.58
CA THR B 81 6.63 4.62 14.71
C THR B 81 7.35 5.94 14.48
N GLU B 82 8.52 5.85 13.86
CA GLU B 82 9.32 7.04 13.61
C GLU B 82 8.74 7.82 12.44
N PRO B 83 8.97 9.13 12.38
CA PRO B 83 8.50 9.91 11.23
C PRO B 83 9.23 9.51 9.96
N GLN B 84 8.50 8.92 9.02
CA GLN B 84 9.02 8.56 7.71
C GLN B 84 8.17 9.27 6.66
N GLU B 85 8.34 8.88 5.41
CA GLU B 85 7.55 9.46 4.34
C GLU B 85 6.37 8.58 3.97
N MET B 86 5.50 9.14 3.16
CA MET B 86 4.32 8.47 2.63
C MET B 86 4.22 8.78 1.14
N GLU B 87 3.33 8.07 0.47
CA GLU B 87 3.03 8.33 -0.92
C GLU B 87 1.65 8.97 -1.05
N VAL B 88 1.47 9.76 -2.10
CA VAL B 88 0.20 10.38 -2.41
C VAL B 88 -0.03 10.28 -3.91
N LEU B 89 -1.25 9.89 -4.29
CA LEU B 89 -1.61 9.79 -5.69
C LEU B 89 -2.12 11.14 -6.20
N VAL B 90 -1.57 11.59 -7.31
CA VAL B 90 -2.00 12.83 -7.96
C VAL B 90 -2.67 12.42 -9.27
N LYS B 91 -3.99 12.57 -9.33
CA LYS B 91 -4.77 12.16 -10.48
C LYS B 91 -5.19 13.41 -11.26
N ASP B 92 -4.77 13.48 -12.51
CA ASP B 92 -5.19 14.54 -13.41
C ASP B 92 -6.29 14.01 -14.33
N SER B 93 -6.47 14.63 -15.50
CA SER B 93 -7.54 14.25 -16.40
C SER B 93 -7.34 12.86 -16.96
N ASN B 94 -6.10 12.48 -17.28
CA ASN B 94 -5.84 11.25 -17.99
C ASN B 94 -5.15 10.16 -17.19
N LYS B 95 -4.30 10.50 -16.23
CA LYS B 95 -3.48 9.50 -15.56
C LYS B 95 -3.42 9.78 -14.06
N THR B 96 -2.73 8.90 -13.35
CA THR B 96 -2.53 9.03 -11.91
C THR B 96 -1.05 8.76 -11.61
N THR B 97 -0.35 9.79 -11.15
CA THR B 97 1.06 9.69 -10.82
C THR B 97 1.24 9.66 -9.31
N VAL B 98 2.29 8.96 -8.86
CA VAL B 98 2.57 8.81 -7.44
C VAL B 98 3.80 9.64 -7.10
N TYR B 99 3.74 10.32 -5.95
CA TYR B 99 4.84 11.15 -5.47
C TYR B 99 5.16 10.77 -4.03
N THR B 100 6.44 10.83 -3.69
CA THR B 100 6.92 10.54 -2.34
C THR B 100 7.12 11.87 -1.60
N VAL B 101 6.36 12.07 -0.53
CA VAL B 101 6.38 13.31 0.22
C VAL B 101 6.41 13.01 1.72
N ARG B 102 6.75 14.04 2.50
CA ARG B 102 6.63 14.01 3.95
C ARG B 102 5.36 14.73 4.37
N PRO B 103 4.72 14.29 5.46
CA PRO B 103 3.51 14.98 5.93
C PRO B 103 3.75 16.44 6.30
N THR B 104 4.99 16.82 6.61
CA THR B 104 5.31 18.20 6.96
C THR B 104 5.62 19.07 5.75
N ASP B 105 5.75 18.48 4.56
CA ASP B 105 6.00 19.27 3.36
C ASP B 105 4.77 20.09 3.00
N THR B 106 5.01 21.28 2.47
CA THR B 106 3.92 22.17 2.09
C THR B 106 3.31 21.73 0.76
N VAL B 107 2.20 22.38 0.41
CA VAL B 107 1.54 22.08 -0.86
C VAL B 107 2.40 22.56 -2.03
N LYS B 108 3.10 23.68 -1.85
CA LYS B 108 3.93 24.21 -2.93
C LYS B 108 5.06 23.24 -3.28
N GLN B 109 5.67 22.62 -2.28
CA GLN B 109 6.74 21.66 -2.54
C GLN B 109 6.22 20.47 -3.35
N LEU B 110 4.98 20.06 -3.12
CA LEU B 110 4.38 19.00 -3.92
C LEU B 110 4.07 19.48 -5.33
N LYS B 111 3.64 20.74 -5.45
CA LYS B 111 3.44 21.33 -6.77
C LYS B 111 4.74 21.42 -7.55
N GLN B 112 5.85 21.71 -6.85
CA GLN B 112 7.15 21.74 -7.51
C GLN B 112 7.59 20.33 -7.94
N GLN B 113 7.16 19.30 -7.21
CA GLN B 113 7.41 17.94 -7.67
C GLN B 113 6.58 17.60 -8.90
N ILE B 114 5.32 18.05 -8.92
CA ILE B 114 4.47 17.82 -10.08
C ILE B 114 5.02 18.53 -11.31
N TYR B 115 5.62 19.71 -11.12
CA TYR B 115 6.18 20.45 -12.24
C TYR B 115 7.49 19.85 -12.74
N ALA B 116 8.29 19.29 -11.84
CA ALA B 116 9.53 18.63 -12.25
C ALA B 116 9.28 17.33 -12.99
N CYS B 117 8.17 16.65 -12.70
CA CYS B 117 7.88 15.34 -13.28
C CYS B 117 6.84 15.41 -14.40
N GLN B 118 5.77 16.17 -14.23
CA GLN B 118 4.72 16.26 -15.24
C GLN B 118 4.80 17.52 -16.08
N HIS B 119 5.72 18.43 -15.76
CA HIS B 119 6.01 19.61 -16.59
C HIS B 119 4.78 20.52 -16.70
N VAL B 120 4.16 20.80 -15.56
CA VAL B 120 3.05 21.74 -15.46
C VAL B 120 3.47 22.80 -14.45
N PRO B 121 3.57 24.08 -14.85
CA PRO B 121 4.05 25.11 -13.93
C PRO B 121 3.21 25.21 -12.67
N VAL B 122 3.87 25.60 -11.58
CA VAL B 122 3.24 25.62 -10.26
C VAL B 122 2.02 26.53 -10.26
N GLU B 123 2.17 27.73 -10.83
CA GLU B 123 1.06 28.69 -10.82
C GLU B 123 -0.15 28.19 -11.60
N GLN B 124 0.02 27.21 -12.48
CA GLN B 124 -1.12 26.61 -13.17
C GLN B 124 -1.83 25.54 -12.35
N GLN B 125 -1.22 25.05 -11.28
CA GLN B 125 -1.73 23.89 -10.56
C GLN B 125 -2.76 24.32 -9.52
N ARG B 126 -3.91 23.65 -9.52
CA ARG B 126 -4.94 23.80 -8.49
C ARG B 126 -5.27 22.42 -7.95
N LEU B 127 -4.81 22.14 -6.74
CA LEU B 127 -4.92 20.82 -6.13
C LEU B 127 -6.11 20.77 -5.19
N THR B 128 -6.90 19.69 -5.27
CA THR B 128 -8.07 19.48 -4.44
C THR B 128 -7.95 18.15 -3.70
N TYR B 129 -8.26 18.18 -2.40
CA TYR B 129 -8.27 16.97 -1.58
C TYR B 129 -9.61 16.86 -0.87
N GLU B 130 -10.32 15.77 -1.13
CA GLU B 130 -11.65 15.46 -0.59
C GLU B 130 -12.59 16.67 -0.70
N THR B 131 -12.71 17.18 -1.92
CA THR B 131 -13.62 18.27 -2.24
C THR B 131 -13.24 19.56 -1.51
N LYS B 132 -11.93 19.82 -1.44
CA LYS B 132 -11.43 21.02 -0.79
C LYS B 132 -10.14 21.45 -1.47
N GLU B 133 -10.04 22.73 -1.80
CA GLU B 133 -8.88 23.25 -2.50
C GLU B 133 -7.76 23.56 -1.51
N LEU B 134 -6.53 23.26 -1.92
CA LEU B 134 -5.36 23.40 -1.06
C LEU B 134 -4.65 24.72 -1.34
N GLU B 135 -4.12 25.33 -0.29
CA GLU B 135 -3.28 26.51 -0.40
C GLU B 135 -1.82 26.12 -0.28
N ASN B 136 -0.96 26.82 -1.02
CA ASN B 136 0.44 26.42 -1.17
C ASN B 136 1.25 26.57 0.12
N HIS B 137 0.78 27.36 1.08
CA HIS B 137 1.57 27.62 2.28
C HIS B 137 1.31 26.61 3.40
N HIS B 138 0.18 25.91 3.37
CA HIS B 138 -0.10 24.91 4.39
C HIS B 138 0.60 23.60 4.09
N THR B 139 0.85 22.83 5.14
CA THR B 139 1.46 21.52 4.99
C THR B 139 0.39 20.48 4.67
N LEU B 140 0.85 19.31 4.22
CA LEU B 140 -0.09 18.23 3.91
C LEU B 140 -0.73 17.67 5.18
N GLU B 141 0.00 17.64 6.30
CA GLU B 141 -0.61 17.17 7.54
C GLU B 141 -1.59 18.17 8.11
N HIS B 142 -1.51 19.44 7.72
CA HIS B 142 -2.53 20.41 8.12
C HIS B 142 -3.88 20.08 7.49
N TYR B 143 -3.88 19.48 6.31
CA TYR B 143 -5.09 19.02 5.66
C TYR B 143 -5.39 17.56 5.95
N HIS B 144 -4.57 16.91 6.79
CA HIS B 144 -4.75 15.51 7.17
C HIS B 144 -4.80 14.59 5.95
N VAL B 145 -3.92 14.86 4.97
CA VAL B 145 -3.82 13.99 3.80
C VAL B 145 -3.35 12.62 4.26
N GLN B 146 -4.16 11.59 4.03
CA GLN B 146 -3.77 10.26 4.45
C GLN B 146 -2.78 9.65 3.47
N PRO B 147 -1.89 8.77 3.93
CA PRO B 147 -0.95 8.11 3.02
C PRO B 147 -1.69 7.36 1.92
N ARG B 148 -1.16 7.48 0.70
CA ARG B 148 -1.66 6.81 -0.50
C ARG B 148 -3.07 7.23 -0.88
N SER B 149 -3.53 8.39 -0.40
CA SER B 149 -4.82 8.92 -0.85
C SER B 149 -4.63 9.68 -2.16
N THR B 150 -5.72 10.22 -2.68
CA THR B 150 -5.73 10.84 -4.00
C THR B 150 -5.92 12.34 -3.88
N ILE B 151 -5.04 13.10 -4.52
CA ILE B 151 -5.18 14.54 -4.69
C ILE B 151 -5.44 14.80 -6.16
N TYR B 152 -6.43 15.63 -6.46
CA TYR B 152 -6.88 15.86 -7.83
C TYR B 152 -6.23 17.13 -8.38
N LEU B 153 -5.73 17.03 -9.60
CA LEU B 153 -4.99 18.10 -10.25
C LEU B 153 -5.80 18.65 -11.41
N LEU B 154 -6.13 19.94 -11.34
CA LEU B 154 -6.77 20.66 -12.43
C LEU B 154 -5.92 21.86 -12.80
N LEU B 155 -5.98 22.24 -14.07
CA LEU B 155 -5.09 23.26 -14.62
C LEU B 155 -5.85 24.58 -14.80
N ARG B 156 -5.29 25.66 -14.27
CA ARG B 156 -5.84 27.01 -14.43
C ARG B 156 -4.74 27.90 -14.97
N LEU B 157 -4.88 28.31 -16.23
CA LEU B 157 -3.86 29.12 -16.90
C LEU B 157 -4.09 30.61 -16.77
N ARG B 158 -5.26 31.04 -16.29
CA ARG B 158 -5.53 32.47 -16.18
C ARG B 158 -6.27 32.80 -14.89
#